data_2NBY
#
_entry.id   2NBY
#
_entity_poly.entity_id   1
_entity_poly.type   'polyribonucleotide'
_entity_poly.pdbx_seq_one_letter_code
;GGGCAGAAGGUACCCCAUUGUAUGGGAUCUGAUCUGCCC
;
_entity_poly.pdbx_strand_id   A
#
loop_
_chem_comp.id
_chem_comp.type
_chem_comp.name
_chem_comp.formula
A RNA linking ADENOSINE-5'-MONOPHOSPHATE 'C10 H14 N5 O7 P'
C RNA linking CYTIDINE-5'-MONOPHOSPHATE 'C9 H14 N3 O8 P'
G RNA linking GUANOSINE-5'-MONOPHOSPHATE 'C10 H14 N5 O8 P'
U RNA linking URIDINE-5'-MONOPHOSPHATE 'C9 H13 N2 O9 P'
#